data_2PKN
#
_entry.id   2PKN
#
_cell.length_a   95.050
_cell.length_b   75.184
_cell.length_c   52.380
_cell.angle_alpha   90.00
_cell.angle_beta   109.80
_cell.angle_gamma   90.00
#
_symmetry.space_group_name_H-M   'C 1 2 1'
#
loop_
_entity.id
_entity.type
_entity.pdbx_description
1 polymer 'Adenosine kinase'
2 non-polymer 'PHOSPHOMETHYLPHOSPHONIC ACID ADENYLATE ESTER'
3 water water
#
_entity_poly.entity_id   1
_entity_poly.type   'polypeptide(L)'
_entity_poly.pdbx_seq_one_letter_code
;GTEDLYFQSHMTIAVTGSIATDHLMRFPGRFSEQLLPEHLHKVSLSFLVDDLVMHRGGVAGNMAFAIGVLGGEVALVGAA
GADFADYRDWLKARGVNCDHVLISETAHTARFTCTTDVDMAQIASFYPGAMSEARNIKLADVVSAIGKPELVIIGANDPE
AMFLHTEECRKLGLAFAADPSQQLARLSGEEIRRLVNGAAYLFTNDYEWDLLLSKTGWSEADVMAQIDLRVTTLGPKGVD
LVEPDGTTIHVGVVPETSQTDPTGVGDAFRAGFLTGRSAGLGLERSAQLGSLVAVLVLESTGTQEWQWDYEAAASRLAGA
YGEHAAAEIVAVLA
;
_entity_poly.pdbx_strand_id   A
#
# COMPACT_ATOMS: atom_id res chain seq x y z
N MET A 11 -5.36 17.40 -8.90
CA MET A 11 -5.44 16.63 -7.62
C MET A 11 -5.29 15.12 -7.79
N THR A 12 -4.90 14.66 -9.00
CA THR A 12 -4.87 13.21 -9.32
C THR A 12 -3.60 12.45 -8.84
N ILE A 13 -3.83 11.46 -8.01
CA ILE A 13 -2.76 10.58 -7.54
C ILE A 13 -2.74 9.33 -8.42
N ALA A 14 -1.60 9.07 -9.05
CA ALA A 14 -1.39 7.84 -9.80
C ALA A 14 -0.70 6.83 -8.88
N VAL A 15 -1.34 5.69 -8.67
CA VAL A 15 -0.81 4.67 -7.78
C VAL A 15 -0.24 3.52 -8.60
N THR A 16 1.07 3.35 -8.48
CA THR A 16 1.74 2.22 -9.10
C THR A 16 2.05 1.20 -8.02
N GLY A 17 2.06 -0.08 -8.41
CA GLY A 17 2.44 -1.14 -7.50
C GLY A 17 1.65 -2.40 -7.83
N SER A 18 1.77 -3.40 -6.95
CA SER A 18 1.12 -4.69 -7.17
C SER A 18 -0.42 -4.67 -7.08
N ILE A 19 -1.04 -5.53 -7.90
CA ILE A 19 -2.49 -5.78 -7.87
C ILE A 19 -2.62 -7.30 -7.71
N ALA A 20 -3.39 -7.74 -6.73
CA ALA A 20 -3.50 -9.16 -6.39
C ALA A 20 -4.81 -9.46 -5.67
N THR A 21 -5.15 -10.74 -5.57
CA THR A 21 -6.19 -11.18 -4.66
C THR A 21 -5.61 -12.27 -3.77
N ASP A 22 -6.22 -12.41 -2.60
CA ASP A 22 -5.81 -13.39 -1.63
C ASP A 22 -6.96 -14.36 -1.43
N HIS A 23 -6.66 -15.65 -1.62
CA HIS A 23 -7.65 -16.72 -1.49
C HIS A 23 -7.28 -17.57 -0.28
N LEU A 24 -8.03 -17.40 0.81
CA LEU A 24 -7.67 -17.98 2.11
C LEU A 24 -8.64 -19.08 2.54
N MET A 25 -8.08 -20.22 2.92
CA MET A 25 -8.91 -21.37 3.33
C MET A 25 -8.56 -21.87 4.72
N ARG A 26 -9.56 -22.34 5.45
CA ARG A 26 -9.35 -22.86 6.78
C ARG A 26 -9.46 -24.39 6.76
N PHE A 27 -8.43 -25.05 7.30
CA PHE A 27 -8.44 -26.48 7.52
C PHE A 27 -8.73 -26.74 9.00
N PRO A 28 -9.89 -27.39 9.31
CA PRO A 28 -10.34 -27.75 10.68
C PRO A 28 -9.35 -28.60 11.50
N GLY A 29 -8.61 -29.47 10.83
CA GLY A 29 -7.69 -30.38 11.50
C GLY A 29 -6.27 -29.85 11.63
N ARG A 30 -5.32 -30.78 11.66
CA ARG A 30 -3.91 -30.48 11.78
C ARG A 30 -3.14 -31.01 10.59
N PHE A 31 -2.50 -30.11 9.83
CA PHE A 31 -1.60 -30.52 8.75
C PHE A 31 -0.60 -31.60 9.18
N SER A 32 -0.12 -31.52 10.43
CA SER A 32 0.87 -32.48 10.95
C SER A 32 0.38 -33.93 10.85
N GLU A 33 -0.92 -34.12 11.07
CA GLU A 33 -1.48 -35.47 11.07
C GLU A 33 -1.46 -36.08 9.68
N GLN A 34 -1.48 -35.23 8.66
CA GLN A 34 -1.27 -35.71 7.32
C GLN A 34 0.18 -35.68 6.90
N LEU A 35 0.94 -34.71 7.38
CA LEU A 35 2.35 -34.59 6.99
C LEU A 35 3.26 -35.64 7.65
N LEU A 36 3.10 -35.84 8.97
CA LEU A 36 3.97 -36.75 9.73
C LEU A 36 4.11 -38.13 9.11
N PRO A 37 2.98 -38.76 8.73
CA PRO A 37 3.11 -40.08 8.10
C PRO A 37 3.47 -40.06 6.61
N GLU A 38 3.57 -38.88 6.02
CA GLU A 38 3.72 -38.78 4.59
C GLU A 38 5.05 -39.30 4.05
N HIS A 39 4.94 -39.68 2.80
CA HIS A 39 6.03 -39.96 1.85
C HIS A 39 6.51 -38.64 1.30
N LEU A 40 7.37 -37.96 2.10
CA LEU A 40 7.83 -36.61 1.89
C LEU A 40 8.58 -36.41 0.57
N HIS A 41 9.12 -37.49 0.03
CA HIS A 41 9.79 -37.47 -1.26
C HIS A 41 8.85 -37.43 -2.45
N LYS A 42 7.58 -37.85 -2.26
CA LYS A 42 6.54 -37.61 -3.24
C LYS A 42 5.16 -37.54 -2.58
N VAL A 43 4.82 -36.37 -2.06
CA VAL A 43 3.56 -36.22 -1.33
C VAL A 43 2.33 -36.29 -2.24
N SER A 44 1.21 -36.69 -1.64
CA SER A 44 -0.10 -36.51 -2.25
C SER A 44 -1.06 -36.10 -1.13
N LEU A 45 -1.00 -34.81 -0.78
CA LEU A 45 -1.80 -34.29 0.32
C LEU A 45 -3.13 -33.76 -0.20
N SER A 46 -4.20 -34.07 0.53
CA SER A 46 -5.54 -33.56 0.26
C SER A 46 -6.16 -33.07 1.55
N PHE A 47 -6.42 -31.77 1.62
CA PHE A 47 -7.06 -31.16 2.78
C PHE A 47 -8.51 -30.81 2.46
N LEU A 48 -9.42 -31.34 3.28
CA LEU A 48 -10.83 -30.93 3.22
C LEU A 48 -11.03 -29.65 4.03
N VAL A 49 -11.24 -28.55 3.34
CA VAL A 49 -11.31 -27.25 4.00
C VAL A 49 -12.76 -26.81 4.30
N ASP A 50 -12.88 -25.89 5.23
CA ASP A 50 -14.12 -25.50 5.94
C ASP A 50 -14.70 -24.22 5.41
N ASP A 51 -13.85 -23.42 4.79
CA ASP A 51 -14.11 -22.00 4.63
C ASP A 51 -13.21 -21.51 3.51
N LEU A 52 -13.72 -20.56 2.74
CA LEU A 52 -12.98 -19.90 1.68
C LEU A 52 -13.34 -18.43 1.70
N VAL A 53 -12.34 -17.57 1.84
CA VAL A 53 -12.54 -16.14 1.86
C VAL A 53 -11.61 -15.53 0.81
N MET A 54 -12.14 -14.65 -0.03
CA MET A 54 -11.33 -13.99 -1.04
C MET A 54 -11.29 -12.49 -0.72
N HIS A 55 -10.08 -11.94 -0.65
CA HIS A 55 -9.87 -10.52 -0.41
C HIS A 55 -9.15 -9.88 -1.58
N ARG A 56 -9.65 -8.74 -2.03
CA ARG A 56 -8.95 -7.91 -3.02
C ARG A 56 -7.75 -7.23 -2.36
N GLY A 57 -6.61 -7.24 -3.04
CA GLY A 57 -5.35 -6.74 -2.49
C GLY A 57 -4.31 -6.28 -3.51
N GLY A 58 -3.04 -6.44 -3.13
CA GLY A 58 -1.92 -5.80 -3.80
C GLY A 58 -1.81 -4.38 -3.27
N VAL A 59 -0.60 -3.89 -3.05
CA VAL A 59 -0.41 -2.56 -2.41
C VAL A 59 -1.06 -1.42 -3.22
N ALA A 60 -0.95 -1.45 -4.55
CA ALA A 60 -1.55 -0.41 -5.39
C ALA A 60 -3.06 -0.44 -5.34
N GLY A 61 -3.64 -1.65 -5.40
CA GLY A 61 -5.08 -1.82 -5.25
C GLY A 61 -5.61 -1.28 -3.93
N ASN A 62 -4.94 -1.67 -2.83
CA ASN A 62 -5.31 -1.19 -1.48
C ASN A 62 -5.26 0.35 -1.38
N MET A 63 -4.19 0.95 -1.92
CA MET A 63 -4.03 2.40 -1.82
C MET A 63 -5.04 3.14 -2.70
N ALA A 64 -5.24 2.68 -3.94
CA ALA A 64 -6.23 3.27 -4.85
C ALA A 64 -7.65 3.19 -4.24
N PHE A 65 -7.99 2.02 -3.69
CA PHE A 65 -9.26 1.81 -3.00
C PHE A 65 -9.50 2.87 -1.94
N ALA A 66 -8.53 3.02 -1.03
CA ALA A 66 -8.69 3.95 0.10
C ALA A 66 -8.85 5.38 -0.40
N ILE A 67 -8.03 5.79 -1.37
CA ILE A 67 -8.09 7.15 -1.92
C ILE A 67 -9.47 7.39 -2.56
N GLY A 68 -9.93 6.41 -3.34
CA GLY A 68 -11.23 6.51 -4.00
C GLY A 68 -12.37 6.67 -3.02
N VAL A 69 -12.36 5.83 -1.99
CA VAL A 69 -13.39 5.81 -0.95
C VAL A 69 -13.46 7.16 -0.21
N LEU A 70 -12.30 7.79 -0.01
CA LEU A 70 -12.20 9.09 0.67
C LEU A 70 -12.57 10.26 -0.24
N GLY A 71 -12.88 9.95 -1.49
CA GLY A 71 -13.30 10.96 -2.44
C GLY A 71 -12.18 11.65 -3.20
N GLY A 72 -10.95 11.14 -3.09
CA GLY A 72 -9.83 11.70 -3.84
C GLY A 72 -9.82 11.31 -5.31
N GLU A 73 -9.04 12.02 -6.11
CA GLU A 73 -8.87 11.70 -7.53
C GLU A 73 -7.72 10.72 -7.70
N VAL A 74 -8.01 9.55 -8.24
CA VAL A 74 -7.02 8.47 -8.28
C VAL A 74 -7.07 7.63 -9.57
N ALA A 75 -5.89 7.33 -10.10
CA ALA A 75 -5.69 6.41 -11.21
C ALA A 75 -4.85 5.23 -10.73
N LEU A 76 -5.37 4.01 -10.93
CA LEU A 76 -4.60 2.80 -10.63
C LEU A 76 -3.76 2.43 -11.84
N VAL A 77 -2.45 2.28 -11.62
CA VAL A 77 -1.50 2.05 -12.70
C VAL A 77 -0.66 0.81 -12.37
N GLY A 78 -1.07 -0.33 -12.89
CA GLY A 78 -0.39 -1.60 -12.59
C GLY A 78 -0.86 -2.67 -13.56
N ALA A 79 -0.33 -3.88 -13.42
CA ALA A 79 -0.62 -4.99 -14.34
C ALA A 79 -1.49 -6.08 -13.71
N ALA A 80 -2.50 -6.51 -14.46
CA ALA A 80 -3.40 -7.59 -14.02
C ALA A 80 -3.76 -8.48 -15.22
N GLY A 81 -4.59 -9.49 -14.98
CA GLY A 81 -5.07 -10.39 -16.04
C GLY A 81 -6.50 -10.06 -16.43
N ALA A 82 -7.04 -10.79 -17.42
CA ALA A 82 -8.44 -10.62 -17.79
C ALA A 82 -9.41 -10.89 -16.63
N ASP A 83 -9.01 -11.76 -15.70
CA ASP A 83 -9.81 -12.03 -14.50
C ASP A 83 -9.87 -10.86 -13.50
N PHE A 84 -9.24 -9.75 -13.85
CA PHE A 84 -9.34 -8.48 -13.09
C PHE A 84 -10.70 -7.79 -13.23
N ALA A 85 -11.54 -8.24 -14.18
CA ALA A 85 -12.82 -7.55 -14.48
C ALA A 85 -13.73 -7.18 -13.27
N ASP A 86 -13.99 -8.13 -12.37
CA ASP A 86 -14.80 -7.88 -11.16
C ASP A 86 -14.12 -6.90 -10.21
N TYR A 87 -12.81 -7.06 -10.04
CA TYR A 87 -12.00 -6.17 -9.22
C TYR A 87 -12.05 -4.74 -9.80
N ARG A 88 -11.92 -4.61 -11.13
CA ARG A 88 -12.10 -3.32 -11.83
C ARG A 88 -13.44 -2.64 -11.50
N ASP A 89 -14.52 -3.43 -11.56
CA ASP A 89 -15.87 -2.97 -11.26
C ASP A 89 -15.98 -2.45 -9.83
N TRP A 90 -15.43 -3.22 -8.90
CA TRP A 90 -15.36 -2.88 -7.48
C TRP A 90 -14.65 -1.54 -7.24
N LEU A 91 -13.53 -1.34 -7.93
CA LEU A 91 -12.76 -0.11 -7.78
C LEU A 91 -13.40 1.09 -8.47
N LYS A 92 -13.94 0.87 -9.67
CA LYS A 92 -14.63 1.93 -10.41
C LYS A 92 -15.83 2.47 -9.63
N ALA A 93 -16.48 1.58 -8.87
CA ALA A 93 -17.63 1.98 -8.06
C ALA A 93 -17.21 2.92 -6.92
N ARG A 94 -15.94 2.84 -6.52
CA ARG A 94 -15.39 3.70 -5.47
C ARG A 94 -14.66 4.92 -6.04
N GLY A 95 -14.87 5.23 -7.31
CA GLY A 95 -14.26 6.40 -7.97
C GLY A 95 -12.87 6.22 -8.55
N VAL A 96 -12.36 4.99 -8.59
CA VAL A 96 -10.99 4.72 -9.09
C VAL A 96 -10.93 4.61 -10.62
N ASN A 97 -10.09 5.44 -11.24
CA ASN A 97 -9.79 5.34 -12.67
C ASN A 97 -8.89 4.12 -12.93
N CYS A 98 -9.40 3.16 -13.71
CA CYS A 98 -8.67 1.94 -14.03
C CYS A 98 -8.23 1.85 -15.52
N ASP A 99 -8.31 2.98 -16.23
CA ASP A 99 -7.98 3.02 -17.67
C ASP A 99 -6.58 2.54 -17.97
N HIS A 100 -5.67 2.71 -17.01
CA HIS A 100 -4.24 2.48 -17.24
C HIS A 100 -3.72 1.26 -16.50
N VAL A 101 -4.64 0.39 -16.10
CA VAL A 101 -4.27 -0.97 -15.71
C VAL A 101 -3.96 -1.73 -17.00
N LEU A 102 -2.74 -2.25 -17.10
CA LEU A 102 -2.34 -3.09 -18.22
C LEU A 102 -2.96 -4.46 -18.01
N ILE A 103 -3.71 -4.94 -18.99
CA ILE A 103 -4.29 -6.28 -18.92
C ILE A 103 -3.47 -7.26 -19.77
N SER A 104 -2.92 -8.28 -19.11
CA SER A 104 -2.09 -9.28 -19.79
C SER A 104 -2.92 -10.06 -20.82
N GLU A 105 -2.30 -10.42 -21.93
CA GLU A 105 -2.89 -11.32 -22.93
C GLU A 105 -2.86 -12.76 -22.44
N THR A 106 -1.91 -13.09 -21.56
CA THR A 106 -1.58 -14.48 -21.26
C THR A 106 -1.66 -14.91 -19.80
N ALA A 107 -1.38 -13.99 -18.87
CA ALA A 107 -1.32 -14.33 -17.45
C ALA A 107 -2.56 -13.86 -16.69
N HIS A 108 -2.90 -14.56 -15.63
CA HIS A 108 -3.96 -14.11 -14.73
C HIS A 108 -3.40 -13.07 -13.76
N THR A 109 -4.31 -12.35 -13.10
CA THR A 109 -3.99 -11.45 -11.98
C THR A 109 -3.23 -12.23 -10.91
N ALA A 110 -2.20 -11.60 -10.34
CA ALA A 110 -1.40 -12.21 -9.26
C ALA A 110 -2.31 -12.75 -8.15
N ARG A 111 -1.91 -13.88 -7.56
CA ARG A 111 -2.73 -14.50 -6.54
C ARG A 111 -1.91 -15.09 -5.42
N PHE A 112 -2.33 -14.82 -4.18
CA PHE A 112 -1.79 -15.48 -3.00
C PHE A 112 -2.87 -16.42 -2.44
N THR A 113 -2.54 -17.71 -2.39
CA THR A 113 -3.46 -18.73 -1.89
C THR A 113 -2.86 -19.36 -0.65
N CYS A 114 -3.64 -19.41 0.43
CA CYS A 114 -3.13 -19.89 1.69
C CYS A 114 -4.16 -20.71 2.47
N THR A 115 -3.74 -21.88 2.92
CA THR A 115 -4.54 -22.70 3.82
C THR A 115 -3.91 -22.76 5.20
N THR A 116 -4.72 -22.48 6.21
CA THR A 116 -4.26 -22.42 7.60
C THR A 116 -4.98 -23.49 8.43
N ASP A 117 -4.23 -24.21 9.27
CA ASP A 117 -4.84 -25.27 10.09
C ASP A 117 -5.18 -24.80 11.51
N VAL A 118 -5.68 -25.71 12.35
CA VAL A 118 -6.14 -25.35 13.70
C VAL A 118 -5.01 -24.89 14.64
N ASP A 119 -3.78 -25.31 14.34
CA ASP A 119 -2.60 -24.86 15.10
C ASP A 119 -1.87 -23.69 14.44
N MET A 120 -2.50 -23.08 13.45
CA MET A 120 -1.98 -21.92 12.69
C MET A 120 -0.77 -22.25 11.78
N ALA A 121 -0.56 -23.54 11.49
CA ALA A 121 0.38 -23.95 10.44
C ALA A 121 -0.18 -23.48 9.08
N GLN A 122 0.70 -23.19 8.12
CA GLN A 122 0.26 -22.64 6.85
C GLN A 122 0.93 -23.25 5.63
N ILE A 123 0.14 -23.42 4.58
CA ILE A 123 0.65 -23.87 3.30
C ILE A 123 0.12 -22.91 2.24
N ALA A 124 1.05 -22.24 1.58
CA ALA A 124 0.70 -21.14 0.70
C ALA A 124 1.36 -21.26 -0.67
N SER A 125 0.72 -20.66 -1.65
CA SER A 125 1.33 -20.48 -2.95
C SER A 125 1.26 -19.01 -3.32
N PHE A 126 2.30 -18.54 -4.00
CA PHE A 126 2.25 -17.25 -4.63
C PHE A 126 2.44 -17.38 -6.13
N TYR A 127 1.44 -16.86 -6.84
CA TYR A 127 1.39 -16.83 -8.29
C TYR A 127 1.59 -15.38 -8.72
N PRO A 128 2.77 -15.03 -9.28
CA PRO A 128 2.99 -13.64 -9.69
C PRO A 128 2.13 -13.23 -10.89
N GLY A 129 1.90 -14.16 -11.80
CA GLY A 129 1.05 -13.90 -12.96
C GLY A 129 1.48 -12.67 -13.73
N ALA A 130 0.53 -11.77 -13.93
CA ALA A 130 0.72 -10.58 -14.77
C ALA A 130 1.62 -9.50 -14.15
N MET A 131 1.98 -9.65 -12.88
CA MET A 131 2.80 -8.63 -12.18
C MET A 131 4.10 -8.20 -12.88
N SER A 132 4.88 -9.13 -13.44
CA SER A 132 6.13 -8.70 -14.11
C SER A 132 5.90 -7.87 -15.38
N GLU A 133 4.66 -7.86 -15.88
CA GLU A 133 4.33 -7.02 -17.02
C GLU A 133 4.18 -5.53 -16.71
N ALA A 134 4.24 -5.16 -15.42
CA ALA A 134 4.22 -3.74 -15.02
C ALA A 134 5.43 -2.97 -15.57
N ARG A 135 6.52 -3.68 -15.85
CA ARG A 135 7.70 -3.07 -16.45
C ARG A 135 7.44 -2.55 -17.89
N ASN A 136 6.31 -2.95 -18.47
CA ASN A 136 5.91 -2.54 -19.82
C ASN A 136 4.95 -1.34 -19.83
N ILE A 137 4.57 -0.88 -18.64
CA ILE A 137 3.73 0.31 -18.51
C ILE A 137 4.53 1.60 -18.77
N LYS A 138 3.95 2.48 -19.59
CA LYS A 138 4.52 3.81 -19.80
C LYS A 138 3.66 4.87 -19.13
N LEU A 139 4.24 5.53 -18.14
CA LEU A 139 3.59 6.66 -17.48
C LEU A 139 3.29 7.84 -18.42
N ALA A 140 4.02 7.94 -19.51
CA ALA A 140 3.74 8.95 -20.55
C ALA A 140 2.32 8.82 -21.13
N ASP A 141 1.83 7.58 -21.17
CA ASP A 141 0.45 7.28 -21.59
C ASP A 141 -0.62 7.84 -20.63
N VAL A 142 -0.33 7.79 -19.33
CA VAL A 142 -1.18 8.41 -18.32
C VAL A 142 -1.18 9.93 -18.50
N VAL A 143 0.01 10.49 -18.68
CA VAL A 143 0.19 11.93 -18.85
C VAL A 143 -0.56 12.47 -20.09
N SER A 144 -0.54 11.70 -21.18
CA SER A 144 -1.29 12.03 -22.39
C SER A 144 -2.79 12.04 -22.12
N ALA A 145 -3.27 11.04 -21.40
CA ALA A 145 -4.70 10.86 -21.18
C ALA A 145 -5.29 11.85 -20.16
N ILE A 146 -4.65 11.97 -18.99
CA ILE A 146 -5.21 12.80 -17.91
C ILE A 146 -4.31 13.98 -17.49
N GLY A 147 -3.20 14.17 -18.20
CA GLY A 147 -2.23 15.21 -17.84
C GLY A 147 -1.32 14.71 -16.72
N LYS A 148 -0.42 15.58 -16.27
CA LYS A 148 0.54 15.24 -15.20
C LYS A 148 -0.18 14.99 -13.86
N PRO A 149 -0.06 13.76 -13.31
CA PRO A 149 -0.55 13.51 -11.95
C PRO A 149 0.12 14.46 -10.95
N GLU A 150 -0.62 14.83 -9.90
CA GLU A 150 -0.09 15.60 -8.80
C GLU A 150 0.98 14.80 -8.09
N LEU A 151 0.80 13.47 -8.05
CA LEU A 151 1.75 12.58 -7.37
C LEU A 151 1.69 11.20 -7.99
N VAL A 152 2.85 10.56 -8.13
CA VAL A 152 2.93 9.15 -8.51
C VAL A 152 3.50 8.33 -7.34
N ILE A 153 2.69 7.42 -6.77
CA ILE A 153 3.17 6.55 -5.70
C ILE A 153 3.91 5.36 -6.34
N ILE A 154 5.18 5.17 -5.96
CA ILE A 154 5.96 4.02 -6.41
C ILE A 154 5.86 2.89 -5.37
N GLY A 155 4.71 2.21 -5.39
CA GLY A 155 4.41 1.13 -4.42
C GLY A 155 5.21 -0.12 -4.72
N ALA A 156 5.36 -0.99 -3.71
CA ALA A 156 6.03 -2.27 -3.92
C ALA A 156 5.48 -3.01 -5.15
N ASN A 157 6.37 -3.53 -5.97
CA ASN A 157 6.02 -4.04 -7.28
C ASN A 157 7.12 -5.02 -7.68
N ASP A 158 6.97 -5.57 -8.89
CA ASP A 158 8.10 -6.09 -9.66
C ASP A 158 9.26 -5.10 -9.49
N PRO A 159 10.41 -5.57 -8.95
CA PRO A 159 11.54 -4.65 -8.74
C PRO A 159 11.90 -3.79 -9.95
N GLU A 160 12.02 -4.39 -11.14
CA GLU A 160 12.35 -3.63 -12.35
C GLU A 160 11.31 -2.56 -12.68
N ALA A 161 10.03 -2.88 -12.47
CA ALA A 161 8.97 -1.92 -12.69
C ALA A 161 9.10 -0.70 -11.76
N MET A 162 9.52 -0.95 -10.51
CA MET A 162 9.71 0.14 -9.54
C MET A 162 10.77 1.10 -10.04
N PHE A 163 11.90 0.56 -10.49
CA PHE A 163 12.96 1.39 -11.09
C PHE A 163 12.53 2.12 -12.35
N LEU A 164 11.85 1.43 -13.27
CA LEU A 164 11.43 2.05 -14.53
C LEU A 164 10.43 3.18 -14.30
N HIS A 165 9.47 2.96 -13.39
CA HIS A 165 8.50 3.99 -13.04
C HIS A 165 9.16 5.20 -12.39
N THR A 166 10.14 4.95 -11.50
CA THR A 166 10.87 6.04 -10.85
C THR A 166 11.70 6.87 -11.85
N GLU A 167 12.44 6.19 -12.72
CA GLU A 167 13.16 6.85 -13.82
C GLU A 167 12.23 7.66 -14.74
N GLU A 168 11.07 7.12 -15.08
CA GLU A 168 10.13 7.80 -15.97
C GLU A 168 9.53 9.06 -15.32
N CYS A 169 9.22 8.97 -14.03
CA CYS A 169 8.81 10.14 -13.26
C CYS A 169 9.85 11.24 -13.39
N ARG A 170 11.13 10.89 -13.32
CA ARG A 170 12.20 11.88 -13.53
C ARG A 170 12.18 12.43 -14.96
N LYS A 171 12.10 11.54 -15.94
CA LYS A 171 12.07 11.92 -17.36
C LYS A 171 10.90 12.88 -17.68
N LEU A 172 9.75 12.62 -17.07
CA LEU A 172 8.53 13.41 -17.34
C LEU A 172 8.29 14.59 -16.39
N GLY A 173 9.10 14.70 -15.35
CA GLY A 173 8.96 15.76 -14.35
C GLY A 173 7.80 15.58 -13.38
N LEU A 174 7.53 14.33 -13.00
CA LEU A 174 6.42 13.99 -12.11
C LEU A 174 6.93 13.79 -10.70
N ALA A 175 6.23 14.39 -9.74
CA ALA A 175 6.53 14.20 -8.31
C ALA A 175 6.16 12.77 -7.96
N PHE A 176 7.05 12.11 -7.22
CA PHE A 176 6.88 10.70 -6.86
C PHE A 176 7.10 10.43 -5.38
N ALA A 177 6.41 9.41 -4.90
CA ALA A 177 6.57 8.95 -3.55
C ALA A 177 7.30 7.62 -3.53
N ALA A 178 8.50 7.62 -2.90
CA ALA A 178 9.28 6.41 -2.65
C ALA A 178 8.81 5.58 -1.47
N ASP A 179 8.36 4.38 -1.85
CA ASP A 179 7.88 3.36 -0.87
C ASP A 179 8.81 2.17 -0.93
N PRO A 180 10.06 2.34 -0.44
CA PRO A 180 11.13 1.35 -0.60
C PRO A 180 11.07 0.12 0.25
N SER A 181 10.06 0.08 1.13
CA SER A 181 9.88 -0.91 2.21
C SER A 181 10.27 -2.35 1.90
N GLN A 182 9.35 -3.03 1.24
CA GLN A 182 9.40 -4.47 0.99
C GLN A 182 10.66 -4.95 0.30
N GLN A 183 11.35 -4.03 -0.38
CA GLN A 183 12.46 -4.37 -1.24
C GLN A 183 13.83 -3.95 -0.68
N LEU A 184 13.83 -3.23 0.45
CA LEU A 184 15.08 -2.77 1.09
C LEU A 184 16.01 -3.92 1.44
N ALA A 185 15.47 -4.99 2.02
CA ALA A 185 16.28 -6.14 2.41
C ALA A 185 16.90 -6.86 1.21
N ARG A 186 16.27 -6.71 0.05
CA ARG A 186 16.66 -7.45 -1.16
C ARG A 186 17.53 -6.67 -2.16
N LEU A 187 17.59 -5.34 -2.03
CA LEU A 187 18.34 -4.52 -2.99
C LEU A 187 19.71 -4.08 -2.46
N SER A 188 20.61 -3.80 -3.38
CA SER A 188 21.88 -3.18 -3.02
C SER A 188 21.66 -1.73 -2.58
N GLY A 189 22.62 -1.19 -1.86
CA GLY A 189 22.64 0.23 -1.49
C GLY A 189 22.51 1.17 -2.69
N GLU A 190 23.21 0.85 -3.77
CA GLU A 190 23.12 1.64 -5.00
C GLU A 190 21.73 1.57 -5.65
N GLU A 191 21.08 0.41 -5.57
CA GLU A 191 19.73 0.23 -6.08
C GLU A 191 18.71 1.01 -5.25
N ILE A 192 18.87 0.93 -3.94
CA ILE A 192 18.06 1.73 -3.02
C ILE A 192 18.21 3.23 -3.28
N ARG A 193 19.44 3.72 -3.48
CA ARG A 193 19.67 5.15 -3.76
C ARG A 193 18.86 5.62 -4.96
N ARG A 194 18.82 4.80 -6.01
CA ARG A 194 18.10 5.11 -7.24
C ARG A 194 16.58 5.16 -7.08
N LEU A 195 16.05 4.51 -6.04
CA LEU A 195 14.62 4.63 -5.75
C LEU A 195 14.27 5.89 -4.95
N VAL A 196 15.28 6.48 -4.31
CA VAL A 196 15.11 7.56 -3.35
C VAL A 196 15.41 8.97 -3.93
N ASN A 197 16.45 9.08 -4.75
CA ASN A 197 16.92 10.36 -5.31
C ASN A 197 15.76 11.15 -5.94
N GLY A 198 15.57 12.39 -5.48
CA GLY A 198 14.55 13.26 -6.08
C GLY A 198 13.12 13.07 -5.64
N ALA A 199 12.88 12.18 -4.67
CA ALA A 199 11.53 11.89 -4.17
C ALA A 199 10.84 13.06 -3.47
N ALA A 200 9.54 13.21 -3.70
CA ALA A 200 8.72 14.17 -2.99
C ALA A 200 8.45 13.68 -1.57
N TYR A 201 8.28 12.37 -1.44
CA TYR A 201 8.00 11.75 -0.16
C TYR A 201 8.80 10.47 -0.08
N LEU A 202 9.30 10.15 1.11
CA LEU A 202 9.81 8.81 1.39
C LEU A 202 9.02 8.19 2.54
N PHE A 203 8.43 7.03 2.31
CA PHE A 203 7.69 6.27 3.31
C PHE A 203 8.46 4.99 3.65
N THR A 204 8.71 4.79 4.95
CA THR A 204 9.25 3.54 5.51
C THR A 204 8.74 3.43 6.95
N ASN A 205 8.99 2.30 7.60
CA ASN A 205 8.84 2.25 9.04
C ASN A 205 10.18 2.55 9.72
N ASP A 206 10.25 2.48 11.05
CA ASP A 206 11.45 2.88 11.78
C ASP A 206 12.66 1.94 11.57
N TYR A 207 12.41 0.64 11.59
CA TYR A 207 13.45 -0.36 11.30
C TYR A 207 14.01 -0.22 9.87
N GLU A 208 13.10 -0.11 8.90
CA GLU A 208 13.45 0.09 7.49
C GLU A 208 14.24 1.39 7.28
N TRP A 209 13.93 2.42 8.06
CA TRP A 209 14.65 3.69 7.94
C TRP A 209 16.11 3.50 8.30
N ASP A 210 16.36 2.80 9.40
CA ASP A 210 17.73 2.53 9.84
C ASP A 210 18.47 1.63 8.85
N LEU A 211 17.77 0.63 8.32
CA LEU A 211 18.30 -0.20 7.25
C LEU A 211 18.66 0.60 5.98
N LEU A 212 17.75 1.47 5.53
CA LEU A 212 18.00 2.29 4.34
C LEU A 212 19.31 3.07 4.46
N LEU A 213 19.52 3.69 5.62
CA LEU A 213 20.73 4.49 5.89
C LEU A 213 21.99 3.63 5.83
N SER A 214 21.97 2.51 6.56
CA SER A 214 23.11 1.59 6.61
C SER A 214 23.49 1.07 5.24
N LYS A 215 22.49 0.68 4.44
CA LYS A 215 22.75 0.07 3.13
C LYS A 215 23.21 1.06 2.06
N THR A 216 22.66 2.28 2.08
CA THR A 216 23.02 3.29 1.09
C THR A 216 24.38 3.95 1.37
N GLY A 217 24.82 3.88 2.63
CA GLY A 217 26.02 4.61 3.08
C GLY A 217 25.71 6.09 3.23
N TRP A 218 24.42 6.41 3.36
CA TRP A 218 23.95 7.78 3.45
C TRP A 218 23.73 8.16 4.92
N SER A 219 24.07 9.40 5.25
CA SER A 219 23.62 9.99 6.51
C SER A 219 22.17 10.48 6.33
N GLU A 220 21.51 10.84 7.43
CA GLU A 220 20.18 11.46 7.35
C GLU A 220 20.26 12.76 6.51
N ALA A 221 21.27 13.58 6.80
CA ALA A 221 21.49 14.82 6.06
C ALA A 221 21.60 14.57 4.55
N ASP A 222 22.26 13.47 4.17
CA ASP A 222 22.40 13.09 2.77
C ASP A 222 21.02 12.86 2.14
N VAL A 223 20.18 12.09 2.84
CA VAL A 223 18.83 11.77 2.37
C VAL A 223 17.95 13.02 2.27
N MET A 224 17.97 13.87 3.30
CA MET A 224 17.14 15.08 3.32
C MET A 224 17.47 16.11 2.23
N ALA A 225 18.67 16.04 1.67
CA ALA A 225 19.02 16.82 0.48
C ALA A 225 18.56 16.16 -0.83
N GLN A 226 18.11 14.91 -0.75
CA GLN A 226 17.56 14.20 -1.90
C GLN A 226 16.03 14.28 -1.96
N ILE A 227 15.38 14.44 -0.81
CA ILE A 227 13.92 14.29 -0.69
C ILE A 227 13.22 15.49 -0.01
N ASP A 228 11.91 15.61 -0.23
CA ASP A 228 11.15 16.73 0.35
C ASP A 228 10.47 16.45 1.69
N LEU A 229 10.25 15.18 2.04
CA LEU A 229 9.64 14.82 3.32
C LEU A 229 9.90 13.36 3.57
N ARG A 230 10.40 13.07 4.77
CA ARG A 230 10.49 11.70 5.27
C ARG A 230 9.29 11.43 6.15
N VAL A 231 8.59 10.34 5.84
CA VAL A 231 7.48 9.89 6.67
C VAL A 231 7.89 8.53 7.23
N THR A 232 8.02 8.46 8.55
CA THR A 232 8.46 7.24 9.23
C THR A 232 7.39 6.78 10.21
N THR A 233 6.78 5.64 9.90
CA THR A 233 5.69 5.09 10.71
C THR A 233 6.27 4.24 11.85
N LEU A 234 5.59 4.28 12.99
CA LEU A 234 6.09 3.69 14.25
C LEU A 234 5.09 2.74 14.92
N GLY A 235 4.21 2.13 14.12
CA GLY A 235 3.20 1.22 14.68
C GLY A 235 2.27 1.92 15.65
N PRO A 236 2.13 1.39 16.88
CA PRO A 236 1.22 2.00 17.85
C PRO A 236 1.78 3.31 18.42
N LYS A 237 3.04 3.59 18.12
CA LYS A 237 3.69 4.82 18.58
C LYS A 237 3.47 6.00 17.62
N GLY A 238 2.70 5.75 16.55
CA GLY A 238 2.31 6.82 15.62
C GLY A 238 3.21 6.95 14.40
N VAL A 239 3.53 8.20 14.06
CA VAL A 239 4.31 8.53 12.87
C VAL A 239 5.16 9.81 13.08
N ASP A 240 6.35 9.83 12.51
CA ASP A 240 7.19 11.03 12.42
C ASP A 240 7.16 11.58 11.00
N LEU A 241 7.01 12.91 10.87
CA LEU A 241 7.11 13.60 9.59
C LEU A 241 8.26 14.58 9.70
N VAL A 242 9.28 14.38 8.88
CA VAL A 242 10.51 15.18 8.96
C VAL A 242 10.75 15.96 7.68
N GLU A 243 10.80 17.29 7.82
CA GLU A 243 11.06 18.20 6.71
C GLU A 243 12.58 18.41 6.52
N PRO A 244 13.01 18.84 5.32
CA PRO A 244 14.44 19.07 5.08
C PRO A 244 15.04 20.22 5.93
N ASP A 245 14.18 21.08 6.50
CA ASP A 245 14.62 22.14 7.43
C ASP A 245 14.94 21.66 8.87
N GLY A 246 14.64 20.39 9.15
CA GLY A 246 14.85 19.83 10.50
C GLY A 246 13.65 19.90 11.42
N THR A 247 12.56 20.49 10.94
CA THR A 247 11.29 20.44 11.67
C THR A 247 10.74 19.02 11.64
N THR A 248 10.33 18.53 12.80
CA THR A 248 9.71 17.23 12.97
C THR A 248 8.30 17.35 13.56
N ILE A 249 7.34 16.65 12.96
CA ILE A 249 6.00 16.56 13.51
C ILE A 249 5.71 15.09 13.84
N HIS A 250 5.41 14.81 15.11
CA HIS A 250 4.97 13.50 15.55
C HIS A 250 3.46 13.48 15.80
N VAL A 251 2.75 12.58 15.14
CA VAL A 251 1.32 12.40 15.39
C VAL A 251 1.09 10.98 15.92
N GLY A 252 0.40 10.90 17.06
CA GLY A 252 0.01 9.61 17.67
C GLY A 252 -1.18 8.96 16.97
N VAL A 253 -1.38 7.67 17.24
CA VAL A 253 -2.42 6.89 16.55
C VAL A 253 -3.82 7.21 17.04
N VAL A 254 -4.83 6.87 16.24
CA VAL A 254 -6.22 6.84 16.67
C VAL A 254 -6.42 5.52 17.43
N PRO A 255 -6.87 5.60 18.71
CA PRO A 255 -6.98 4.39 19.55
C PRO A 255 -7.88 3.32 18.95
N GLU A 256 -7.38 2.10 18.90
CA GLU A 256 -8.16 0.99 18.34
C GLU A 256 -9.09 0.35 19.37
N THR A 257 -10.21 -0.17 18.89
CA THR A 257 -11.14 -0.95 19.71
C THR A 257 -10.99 -2.44 19.37
N SER A 258 -10.27 -2.71 18.28
CA SER A 258 -9.98 -4.07 17.83
C SER A 258 -8.58 -4.12 17.24
N GLN A 259 -7.84 -5.17 17.53
CA GLN A 259 -6.55 -5.38 16.86
C GLN A 259 -6.67 -6.49 15.81
N THR A 260 -7.87 -6.63 15.22
CA THR A 260 -8.22 -7.80 14.40
C THR A 260 -7.16 -8.23 13.38
N ASP A 261 -6.96 -7.41 12.34
CA ASP A 261 -6.08 -7.79 11.24
C ASP A 261 -5.18 -6.64 10.79
N PRO A 262 -3.87 -6.73 11.10
CA PRO A 262 -2.92 -5.69 10.74
C PRO A 262 -2.51 -5.67 9.27
N THR A 263 -3.06 -6.58 8.45
CA THR A 263 -2.75 -6.54 7.01
C THR A 263 -3.30 -5.24 6.43
N GLY A 264 -2.51 -4.61 5.56
CA GLY A 264 -2.97 -3.44 4.80
C GLY A 264 -2.98 -2.12 5.56
N VAL A 265 -2.49 -2.14 6.80
CA VAL A 265 -2.57 -0.95 7.68
C VAL A 265 -1.59 0.15 7.24
N GLY A 266 -0.38 -0.24 6.86
CA GLY A 266 0.59 0.65 6.22
C GLY A 266 0.10 1.27 4.91
N ASP A 267 -0.56 0.47 4.07
CA ASP A 267 -1.13 0.94 2.81
C ASP A 267 -2.19 2.01 3.05
N ALA A 268 -3.04 1.75 4.04
CA ALA A 268 -4.15 2.64 4.36
C ALA A 268 -3.67 3.98 4.96
N PHE A 269 -2.66 3.92 5.83
CA PHE A 269 -2.04 5.15 6.34
C PHE A 269 -1.54 6.05 5.20
N ARG A 270 -0.75 5.48 4.29
CA ARG A 270 -0.23 6.21 3.12
C ARG A 270 -1.34 6.85 2.30
N ALA A 271 -2.36 6.07 1.98
CA ALA A 271 -3.50 6.54 1.20
C ALA A 271 -4.23 7.71 1.87
N GLY A 272 -4.51 7.57 3.16
CA GLY A 272 -5.20 8.62 3.92
C GLY A 272 -4.34 9.87 4.01
N PHE A 273 -3.07 9.70 4.37
CA PHE A 273 -2.13 10.81 4.42
C PHE A 273 -2.07 11.57 3.07
N LEU A 274 -1.80 10.85 1.97
CA LEU A 274 -1.70 11.47 0.65
C LEU A 274 -3.01 12.06 0.09
N THR A 275 -4.16 11.48 0.48
CA THR A 275 -5.47 12.04 0.15
C THR A 275 -5.58 13.41 0.83
N GLY A 276 -5.24 13.44 2.12
CA GLY A 276 -5.18 14.68 2.91
C GLY A 276 -4.37 15.73 2.16
N ARG A 277 -3.15 15.36 1.77
CA ARG A 277 -2.24 16.28 1.08
C ARG A 277 -2.86 16.83 -0.21
N SER A 278 -3.41 15.94 -1.05
CA SER A 278 -4.04 16.36 -2.32
C SER A 278 -5.26 17.24 -2.09
N ALA A 279 -5.91 17.04 -0.93
CA ALA A 279 -7.08 17.85 -0.54
C ALA A 279 -6.68 19.19 0.09
N GLY A 280 -5.38 19.47 0.12
CA GLY A 280 -4.86 20.74 0.61
C GLY A 280 -4.59 20.83 2.10
N LEU A 281 -4.67 19.71 2.81
CA LEU A 281 -4.39 19.70 4.25
C LEU A 281 -2.89 19.77 4.52
N GLY A 282 -2.52 20.44 5.62
CA GLY A 282 -1.11 20.51 6.06
C GLY A 282 -0.61 19.12 6.48
N LEU A 283 0.63 19.05 6.92
CA LEU A 283 1.26 17.79 7.32
C LEU A 283 0.63 17.11 8.53
N GLU A 284 0.40 17.87 9.60
CA GLU A 284 -0.23 17.32 10.80
C GLU A 284 -1.66 16.81 10.57
N ARG A 285 -2.49 17.59 9.87
CA ARG A 285 -3.87 17.19 9.60
C ARG A 285 -3.91 15.98 8.68
N SER A 286 -2.99 15.94 7.71
CA SER A 286 -2.89 14.81 6.79
C SER A 286 -2.51 13.50 7.52
N ALA A 287 -1.64 13.61 8.52
CA ALA A 287 -1.21 12.42 9.27
C ALA A 287 -2.30 11.98 10.23
N GLN A 288 -3.12 12.93 10.68
CA GLN A 288 -4.28 12.61 11.52
C GLN A 288 -5.33 11.82 10.71
N LEU A 289 -5.60 12.26 9.49
CA LEU A 289 -6.48 11.51 8.56
C LEU A 289 -5.91 10.12 8.24
N GLY A 290 -4.62 10.07 7.88
CA GLY A 290 -3.89 8.81 7.66
C GLY A 290 -4.06 7.82 8.82
N SER A 291 -3.89 8.33 10.04
CA SER A 291 -4.08 7.55 11.28
C SER A 291 -5.49 6.97 11.44
N LEU A 292 -6.51 7.73 11.03
CA LEU A 292 -7.88 7.23 11.09
C LEU A 292 -8.10 6.09 10.09
N VAL A 293 -7.69 6.29 8.85
CA VAL A 293 -7.84 5.26 7.80
C VAL A 293 -7.09 3.98 8.23
N ALA A 294 -5.90 4.16 8.78
CA ALA A 294 -5.10 3.04 9.30
C ALA A 294 -5.83 2.21 10.38
N VAL A 295 -6.47 2.88 11.33
CA VAL A 295 -7.17 2.17 12.40
C VAL A 295 -8.42 1.43 11.86
N LEU A 296 -9.10 2.05 10.89
CA LEU A 296 -10.25 1.39 10.27
C LEU A 296 -9.86 0.08 9.56
N VAL A 297 -8.71 0.08 8.90
CA VAL A 297 -8.15 -1.15 8.29
C VAL A 297 -7.70 -2.18 9.33
N LEU A 298 -7.04 -1.70 10.40
CA LEU A 298 -6.67 -2.54 11.54
C LEU A 298 -7.86 -3.28 12.16
N GLU A 299 -9.04 -2.65 12.11
CA GLU A 299 -10.24 -3.19 12.74
C GLU A 299 -11.11 -4.02 11.79
N SER A 300 -10.56 -4.34 10.63
CA SER A 300 -11.27 -5.05 9.57
C SER A 300 -10.44 -6.25 9.08
N THR A 301 -11.09 -7.36 8.74
CA THR A 301 -10.36 -8.48 8.15
C THR A 301 -10.19 -8.22 6.65
N GLY A 302 -8.99 -8.47 6.14
CA GLY A 302 -8.66 -8.09 4.77
C GLY A 302 -8.24 -6.64 4.70
N THR A 303 -8.24 -6.07 3.49
CA THR A 303 -7.63 -4.75 3.25
C THR A 303 -8.55 -3.71 2.62
N GLN A 304 -9.60 -4.15 1.93
CA GLN A 304 -10.60 -3.26 1.35
C GLN A 304 -12.02 -3.61 1.81
N GLU A 305 -12.12 -4.21 3.00
CA GLU A 305 -13.41 -4.67 3.55
C GLU A 305 -14.00 -3.67 4.57
N TRP A 306 -13.35 -2.52 4.71
CA TRP A 306 -13.73 -1.50 5.68
C TRP A 306 -14.71 -0.49 5.09
N GLN A 307 -15.46 0.20 5.95
CA GLN A 307 -16.48 1.15 5.53
C GLN A 307 -16.05 2.57 5.89
N TRP A 308 -16.50 3.53 5.09
CA TRP A 308 -16.29 4.94 5.39
C TRP A 308 -17.59 5.62 5.81
N ASP A 309 -17.67 5.89 7.10
CA ASP A 309 -18.83 6.54 7.72
C ASP A 309 -18.42 7.95 8.16
N TYR A 310 -18.93 8.95 7.45
CA TYR A 310 -18.54 10.35 7.64
C TYR A 310 -18.71 10.84 9.09
N GLU A 311 -19.88 10.58 9.68
CA GLU A 311 -20.17 10.96 11.06
C GLU A 311 -19.28 10.24 12.08
N ALA A 312 -19.08 8.95 11.87
CA ALA A 312 -18.20 8.14 12.72
C ALA A 312 -16.75 8.59 12.66
N ALA A 313 -16.30 8.92 11.44
CA ALA A 313 -14.95 9.46 11.21
C ALA A 313 -14.76 10.76 12.01
N ALA A 314 -15.69 11.69 11.84
CA ALA A 314 -15.68 12.99 12.55
C ALA A 314 -15.59 12.82 14.07
N SER A 315 -16.37 11.88 14.59
CA SER A 315 -16.43 11.62 16.02
C SER A 315 -15.13 11.01 16.53
N ARG A 316 -14.54 10.13 15.74
CA ARG A 316 -13.32 9.46 16.14
C ARG A 316 -12.10 10.35 16.05
N LEU A 317 -12.06 11.18 15.01
CA LEU A 317 -11.01 12.16 14.87
C LEU A 317 -11.05 13.17 16.01
N ALA A 318 -12.26 13.61 16.37
CA ALA A 318 -12.48 14.54 17.49
C ALA A 318 -11.97 13.96 18.81
N GLY A 319 -12.30 12.69 19.04
CA GLY A 319 -11.88 11.98 20.23
C GLY A 319 -10.37 11.84 20.34
N ALA A 320 -9.71 11.60 19.20
CA ALA A 320 -8.25 11.45 19.20
C ALA A 320 -7.52 12.79 19.18
N TYR A 321 -8.01 13.73 18.38
CA TYR A 321 -7.25 14.93 18.03
C TYR A 321 -7.93 16.27 18.37
N GLY A 322 -9.09 16.21 19.01
CA GLY A 322 -9.87 17.43 19.29
C GLY A 322 -10.87 17.82 18.22
N GLU A 323 -11.87 18.62 18.61
CA GLU A 323 -12.94 19.04 17.71
C GLU A 323 -12.47 19.97 16.62
N HIS A 324 -11.47 20.79 16.92
CA HIS A 324 -10.93 21.74 15.94
C HIS A 324 -10.26 21.01 14.78
N ALA A 325 -9.36 20.09 15.12
CA ALA A 325 -8.68 19.25 14.12
C ALA A 325 -9.68 18.46 13.26
N ALA A 326 -10.64 17.83 13.92
CA ALA A 326 -11.68 17.03 13.25
C ALA A 326 -12.52 17.84 12.25
N ALA A 327 -12.94 19.04 12.65
CA ALA A 327 -13.73 19.87 11.77
C ALA A 327 -12.93 20.26 10.52
N GLU A 328 -11.66 20.63 10.71
CA GLU A 328 -10.79 20.99 9.59
C GLU A 328 -10.56 19.81 8.66
N ILE A 329 -10.44 18.60 9.22
CA ILE A 329 -10.20 17.42 8.40
C ILE A 329 -11.44 17.03 7.60
N VAL A 330 -12.58 16.90 8.26
CA VAL A 330 -13.80 16.46 7.57
C VAL A 330 -14.30 17.48 6.52
N ALA A 331 -13.98 18.76 6.71
CA ALA A 331 -14.35 19.82 5.78
C ALA A 331 -13.82 19.60 4.35
N VAL A 332 -12.76 18.80 4.21
CA VAL A 332 -12.19 18.50 2.88
C VAL A 332 -12.77 17.24 2.19
N LEU A 333 -13.69 16.55 2.85
CA LEU A 333 -14.69 15.77 2.11
C LEU A 333 -16.08 16.32 2.43
#